data_3S2V
#
_entry.id   3S2V
#
_cell.length_a   61.459
_cell.length_b   93.353
_cell.length_c   107.171
_cell.angle_alpha   90.00
_cell.angle_beta   90.00
_cell.angle_gamma   90.00
#
_symmetry.space_group_name_H-M   'P 21 21 21'
#
loop_
_entity.id
_entity.type
_entity.pdbx_description
1 polymer 'Glutamate receptor, ionotropic kainate 1'
2 non-polymer "(S)-1-(2'-AMINO-2'-CARBOXYETHYL)-3-[(2-CARBOXYTHIEN-3-YL)METHYL]THIENO[3,4-D]PYRIMIDIN-2,4-DIONE"
3 non-polymer 'SULFATE ION'
4 non-polymer GLYCEROL
5 non-polymer 'CHLORIDE ION'
6 water water
#
_entity_poly.entity_id   1
_entity_poly.type   'polypeptide(L)'
_entity_poly.pdbx_seq_one_letter_code
;GANRTLIVTTILEEPYVMYRKSDKPLYGNDRFEGYCLDLLKELSNILGFLYDVKLVPDGKYGAQNDKGEWNGMVKELIDH
RADLAVAPLTITYVREKVIDFSKPFMTLGISILYRKGTPIDSADDLAKQTKIEYGAVRDGSTMTFFKKSKISTYEKMWAF
MSSRQQSALVKNSDEGIQRVLTTDYALLMESTSIEYVTQRNCNLTQIGGLIDSKGYGVGTPIGSPYRDKITIAILQLQEE
GKLHMMKEKWWRGNGCP
;
_entity_poly.pdbx_strand_id   A,B
#
# COMPACT_ATOMS: atom_id res chain seq x y z
N ARG A 4 28.72 -8.96 10.97
CA ARG A 4 28.25 -7.86 11.81
C ARG A 4 26.94 -8.21 12.54
N THR A 5 26.88 -7.92 13.83
CA THR A 5 25.69 -8.25 14.61
C THR A 5 24.82 -7.03 14.90
N LEU A 6 23.53 -7.14 14.56
CA LEU A 6 22.60 -6.04 14.77
C LEU A 6 21.65 -6.37 15.90
N ILE A 7 21.32 -5.35 16.69
CA ILE A 7 20.23 -5.46 17.65
C ILE A 7 18.91 -5.11 16.95
N VAL A 8 17.97 -6.03 16.95
CA VAL A 8 16.68 -5.74 16.38
C VAL A 8 15.63 -5.70 17.48
N THR A 9 14.94 -4.58 17.60
CA THR A 9 13.89 -4.49 18.58
C THR A 9 12.63 -4.92 17.87
N THR A 10 11.80 -5.68 18.57
CA THR A 10 10.53 -6.05 18.04
C THR A 10 9.58 -6.13 19.21
N ILE A 11 8.38 -6.63 18.97
CA ILE A 11 7.31 -6.62 19.95
C ILE A 11 6.42 -7.85 19.82
N LEU A 12 5.88 -8.31 20.95
CA LEU A 12 5.10 -9.53 20.98
C LEU A 12 3.77 -9.33 20.29
N GLU A 13 3.55 -9.98 19.14
CA GLU A 13 2.33 -9.71 18.38
C GLU A 13 1.97 -10.81 17.37
N GLU A 14 0.84 -11.47 17.61
CA GLU A 14 0.34 -12.49 16.67
C GLU A 14 -0.04 -11.91 15.31
N PRO A 15 0.48 -12.49 14.22
CA PRO A 15 1.40 -13.64 14.22
C PRO A 15 2.78 -13.17 13.81
N TYR A 16 3.12 -11.93 14.10
CA TYR A 16 4.42 -11.40 13.73
C TYR A 16 5.50 -11.97 14.64
N VAL A 17 5.31 -11.84 15.94
CA VAL A 17 6.28 -12.36 16.90
C VAL A 17 5.58 -13.11 18.01
N MET A 18 6.00 -14.35 18.23
CA MET A 18 5.39 -15.18 19.24
C MET A 18 6.41 -16.07 19.93
N TYR A 19 6.11 -16.48 21.15
CA TYR A 19 6.90 -17.51 21.82
C TYR A 19 6.68 -18.83 21.13
N ARG A 20 7.76 -19.37 20.57
CA ARG A 20 7.71 -20.71 20.02
C ARG A 20 7.39 -21.65 21.17
N LYS A 21 6.39 -22.51 20.99
CA LYS A 21 6.06 -23.53 21.99
C LYS A 21 6.97 -24.73 21.82
N SER A 22 7.54 -25.19 22.94
CA SER A 22 8.45 -26.33 22.96
C SER A 22 8.43 -27.00 24.32
N ASP A 23 8.63 -28.32 24.34
CA ASP A 23 8.69 -29.09 25.59
C ASP A 23 9.98 -28.81 26.34
N LYS A 24 11.01 -28.47 25.58
CA LYS A 24 12.32 -28.15 26.13
C LYS A 24 12.54 -26.64 26.20
N PRO A 25 13.59 -26.21 26.90
CA PRO A 25 13.91 -24.78 27.00
C PRO A 25 14.54 -24.24 25.71
N LEU A 26 14.16 -23.02 25.34
CA LEU A 26 14.66 -22.37 24.14
C LEU A 26 15.42 -21.14 24.53
N TYR A 27 16.42 -20.77 23.75
CA TYR A 27 17.26 -19.64 24.12
C TYR A 27 17.46 -18.66 22.98
N GLY A 28 17.71 -17.40 23.33
CA GLY A 28 18.00 -16.40 22.33
C GLY A 28 16.90 -16.25 21.30
N ASN A 29 17.32 -16.04 20.06
CA ASN A 29 16.39 -15.79 18.97
C ASN A 29 15.45 -16.96 18.78
N ASP A 30 15.94 -18.13 19.14
CA ASP A 30 15.20 -19.36 18.96
C ASP A 30 13.93 -19.40 19.83
N ARG A 31 13.79 -18.46 20.76
CA ARG A 31 12.58 -18.39 21.56
C ARG A 31 11.40 -17.93 20.71
N PHE A 32 11.68 -17.15 19.67
CA PHE A 32 10.64 -16.46 18.93
C PHE A 32 10.39 -17.06 17.56
N GLU A 33 9.14 -16.95 17.11
CA GLU A 33 8.76 -17.34 15.77
C GLU A 33 7.70 -16.37 15.28
N GLY A 34 7.41 -16.42 13.99
CA GLY A 34 6.34 -15.62 13.44
C GLY A 34 6.72 -14.94 12.15
N TYR A 35 5.75 -14.23 11.56
CA TYR A 35 6.00 -13.52 10.32
C TYR A 35 7.25 -12.66 10.34
N CYS A 36 7.48 -11.98 11.46
CA CYS A 36 8.63 -11.06 11.54
C CYS A 36 9.99 -11.73 11.68
N LEU A 37 10.03 -12.90 12.31
CA LEU A 37 11.30 -13.63 12.38
C LEU A 37 11.64 -14.24 11.05
N ASP A 38 10.63 -14.52 10.25
CA ASP A 38 10.85 -15.04 8.92
C ASP A 38 11.41 -13.95 8.01
N LEU A 39 10.88 -12.75 8.16
CA LEU A 39 11.32 -11.61 7.35
C LEU A 39 12.75 -11.26 7.74
N LEU A 40 12.98 -11.24 9.05
CA LEU A 40 14.30 -11.01 9.59
C LEU A 40 15.34 -12.00 9.06
N LYS A 41 15.04 -13.29 9.11
CA LYS A 41 15.99 -14.27 8.60
C LYS A 41 16.23 -14.01 7.14
N GLU A 42 15.17 -13.63 6.44
CA GLU A 42 15.20 -13.45 5.00
C GLU A 42 16.00 -12.21 4.59
N LEU A 43 15.90 -11.13 5.37
CA LEU A 43 16.70 -9.94 5.12
C LEU A 43 18.13 -10.18 5.59
N SER A 44 18.28 -11.06 6.57
CA SER A 44 19.59 -11.37 7.10
C SER A 44 20.41 -12.06 6.03
N ASN A 45 19.76 -12.89 5.24
CA ASN A 45 20.45 -13.67 4.23
C ASN A 45 20.81 -12.85 3.02
N ILE A 46 19.96 -11.88 2.70
CA ILE A 46 20.26 -11.00 1.59
C ILE A 46 21.34 -10.00 1.96
N LEU A 47 21.27 -9.42 3.16
CA LEU A 47 22.19 -8.35 3.55
C LEU A 47 23.48 -8.84 4.24
N GLY A 48 23.47 -10.09 4.71
CA GLY A 48 24.62 -10.67 5.39
C GLY A 48 24.89 -10.05 6.75
N PHE A 49 23.91 -10.11 7.64
CA PHE A 49 24.12 -9.66 9.00
C PHE A 49 23.66 -10.68 10.03
N LEU A 50 24.31 -10.66 11.18
CA LEU A 50 23.85 -11.40 12.32
C LEU A 50 22.96 -10.44 13.08
N TYR A 51 22.06 -10.98 13.89
CA TYR A 51 21.15 -10.17 14.68
C TYR A 51 20.83 -10.84 16.00
N ASP A 52 20.53 -10.03 17.00
CA ASP A 52 19.96 -10.51 18.25
C ASP A 52 18.63 -9.83 18.46
N VAL A 53 17.59 -10.64 18.62
CA VAL A 53 16.25 -10.13 18.85
C VAL A 53 16.05 -9.71 20.31
N LYS A 54 15.67 -8.45 20.50
CA LYS A 54 15.38 -7.89 21.80
C LYS A 54 13.96 -7.31 21.80
N LEU A 55 13.09 -7.92 22.58
CA LEU A 55 11.75 -7.43 22.80
C LEU A 55 11.80 -6.05 23.42
N VAL A 56 11.00 -5.11 22.89
CA VAL A 56 11.01 -3.75 23.40
C VAL A 56 10.54 -3.76 24.86
N PRO A 57 11.40 -3.28 25.76
CA PRO A 57 11.06 -3.43 27.18
C PRO A 57 9.68 -2.91 27.58
N ASP A 58 9.31 -1.70 27.18
CA ASP A 58 8.00 -1.18 27.59
C ASP A 58 6.82 -1.78 26.82
N GLY A 59 7.10 -2.60 25.81
CA GLY A 59 6.06 -3.30 25.07
C GLY A 59 5.19 -2.36 24.26
N LYS A 60 5.75 -1.18 23.93
CA LYS A 60 5.03 -0.20 23.14
C LYS A 60 5.58 -0.12 21.74
N TYR A 61 4.75 0.28 20.79
CA TYR A 61 5.18 0.51 19.41
C TYR A 61 6.02 1.77 19.28
N GLY A 62 5.49 2.87 19.80
CA GLY A 62 6.19 4.14 19.76
C GLY A 62 5.24 5.28 19.56
N ALA A 63 5.09 6.10 20.59
CA ALA A 63 4.29 7.30 20.49
C ALA A 63 4.90 8.43 21.31
N GLN A 64 4.29 9.61 21.23
CA GLN A 64 4.80 10.82 21.86
C GLN A 64 3.99 11.26 23.07
N ASN A 65 4.71 11.74 24.07
CA ASN A 65 4.14 12.44 25.22
C ASN A 65 3.50 13.76 24.83
N ASP A 66 2.95 14.45 25.83
CA ASP A 66 2.54 15.84 25.68
C ASP A 66 3.80 16.69 25.69
N LYS A 67 4.86 16.13 26.24
CA LYS A 67 6.17 16.76 26.25
C LYS A 67 6.84 16.53 24.90
N GLY A 68 6.47 15.45 24.23
CA GLY A 68 7.10 15.10 22.97
C GLY A 68 8.17 14.05 23.15
N GLU A 69 8.26 13.50 24.36
CA GLU A 69 9.08 12.34 24.62
C GLU A 69 8.51 11.13 23.90
N TRP A 70 9.37 10.36 23.25
CA TRP A 70 8.93 9.15 22.55
C TRP A 70 9.04 7.93 23.46
N ASN A 71 8.30 6.87 23.13
CA ASN A 71 8.53 5.58 23.76
C ASN A 71 8.60 4.42 22.75
N GLY A 72 8.49 3.20 23.23
CA GLY A 72 8.40 2.03 22.38
C GLY A 72 9.63 1.76 21.53
N MET A 73 9.42 1.00 20.45
CA MET A 73 10.50 0.61 19.58
C MET A 73 11.10 1.85 18.94
N VAL A 74 10.25 2.84 18.74
CA VAL A 74 10.66 4.09 18.13
C VAL A 74 11.72 4.75 19.00
N LYS A 75 11.49 4.75 20.31
CA LYS A 75 12.45 5.29 21.26
C LYS A 75 13.76 4.50 21.24
N GLU A 76 13.69 3.18 21.17
CA GLU A 76 14.90 2.37 21.13
C GLU A 76 15.74 2.75 19.92
N LEU A 77 15.09 3.11 18.83
CA LEU A 77 15.81 3.51 17.63
C LEU A 77 16.45 4.88 17.82
N ILE A 78 15.66 5.85 18.29
CA ILE A 78 16.14 7.20 18.49
C ILE A 78 17.39 7.17 19.38
N ASP A 79 17.37 6.31 20.39
CA ASP A 79 18.44 6.22 21.37
C ASP A 79 19.55 5.29 20.95
N HIS A 80 19.46 4.76 19.75
CA HIS A 80 20.49 3.84 19.26
C HIS A 80 20.67 2.64 20.20
N ARG A 81 19.56 2.11 20.69
CA ARG A 81 19.59 0.89 21.47
C ARG A 81 19.13 -0.28 20.63
N ALA A 82 18.62 0.01 19.44
CA ALA A 82 18.41 -1.02 18.43
C ALA A 82 18.96 -0.52 17.10
N ASP A 83 19.38 -1.44 16.24
CA ASP A 83 19.79 -1.09 14.88
C ASP A 83 18.59 -1.15 13.89
N LEU A 84 17.67 -2.07 14.13
CA LEU A 84 16.44 -2.16 13.33
C LEU A 84 15.25 -2.44 14.23
N ALA A 85 14.09 -1.94 13.85
CA ALA A 85 12.85 -2.44 14.44
C ALA A 85 12.17 -3.25 13.36
N VAL A 86 12.10 -4.56 13.56
CA VAL A 86 11.38 -5.42 12.62
C VAL A 86 10.11 -5.96 13.26
N ALA A 87 9.01 -5.32 12.90
CA ALA A 87 7.76 -5.48 13.59
C ALA A 87 6.75 -4.76 12.72
N PRO A 88 5.43 -4.94 12.99
CA PRO A 88 4.38 -4.24 12.23
C PRO A 88 4.26 -2.76 12.67
N LEU A 89 5.30 -2.01 12.36
CA LEU A 89 5.37 -0.59 12.70
C LEU A 89 4.87 0.25 11.53
N THR A 90 3.76 0.93 11.75
CA THR A 90 3.17 1.74 10.72
C THR A 90 4.02 2.95 10.40
N ILE A 91 4.32 3.10 9.11
CA ILE A 91 5.02 4.27 8.64
C ILE A 91 4.09 5.46 8.78
N THR A 92 4.50 6.46 9.55
CA THR A 92 3.66 7.62 9.78
C THR A 92 4.46 8.92 9.72
N TYR A 93 3.76 10.01 9.48
CA TYR A 93 4.39 11.33 9.39
C TYR A 93 5.27 11.69 10.61
N VAL A 94 4.69 11.67 11.82
CA VAL A 94 5.46 12.03 13.02
C VAL A 94 6.58 11.05 13.34
N ARG A 95 6.42 9.79 12.94
CA ARG A 95 7.46 8.81 13.24
C ARG A 95 8.62 9.02 12.30
N GLU A 96 8.30 9.24 11.03
CA GLU A 96 9.31 9.41 9.98
C GLU A 96 10.15 10.69 10.17
N LYS A 97 9.62 11.69 10.87
CA LYS A 97 10.42 12.86 11.24
C LYS A 97 11.55 12.53 12.23
N VAL A 98 11.40 11.45 13.02
CA VAL A 98 12.41 11.09 14.01
C VAL A 98 13.16 9.76 13.80
N ILE A 99 12.62 8.87 12.95
CA ILE A 99 13.32 7.64 12.56
C ILE A 99 13.29 7.48 11.04
N ASP A 100 14.11 6.57 10.51
CA ASP A 100 14.13 6.28 9.09
C ASP A 100 13.40 4.96 8.83
N PHE A 101 12.47 4.97 7.88
CA PHE A 101 11.70 3.77 7.58
C PHE A 101 12.14 3.18 6.25
N SER A 102 12.12 1.85 6.16
CA SER A 102 12.28 1.19 4.89
C SER A 102 10.95 1.40 4.19
N LYS A 103 10.90 1.13 2.89
CA LYS A 103 9.61 1.07 2.23
C LYS A 103 8.82 -0.10 2.80
N PRO A 104 7.49 -0.06 2.70
CA PRO A 104 6.61 -1.00 3.40
C PRO A 104 6.79 -2.45 2.95
N PHE A 105 6.83 -3.39 3.89
CA PHE A 105 6.88 -4.80 3.52
C PHE A 105 5.48 -5.38 3.51
N MET A 106 4.55 -4.59 4.03
CA MET A 106 3.15 -4.96 4.03
C MET A 106 2.31 -3.69 3.93
N THR A 107 1.30 -3.73 3.07
CA THR A 107 0.40 -2.58 2.94
C THR A 107 -0.98 -2.99 3.37
N LEU A 108 -1.69 -2.04 3.94
CA LEU A 108 -2.97 -2.30 4.52
C LEU A 108 -3.76 -1.02 4.60
N GLY A 109 -4.78 -1.07 5.46
CA GLY A 109 -5.59 0.09 5.73
C GLY A 109 -6.57 -0.27 6.82
N ILE A 110 -7.68 0.47 6.85
CA ILE A 110 -8.73 0.20 7.79
C ILE A 110 -9.82 -0.53 7.06
N SER A 111 -10.41 -1.50 7.72
CA SER A 111 -11.55 -2.19 7.15
C SER A 111 -12.61 -2.46 8.23
N ILE A 112 -13.61 -3.24 7.87
CA ILE A 112 -14.71 -3.54 8.77
C ILE A 112 -14.72 -5.02 9.15
N LEU A 113 -14.99 -5.29 10.41
CA LEU A 113 -15.14 -6.66 10.86
C LEU A 113 -16.58 -6.90 11.28
N TYR A 114 -17.23 -7.86 10.63
CA TYR A 114 -18.65 -8.13 10.87
C TYR A 114 -18.98 -9.61 10.67
N ARG A 115 -20.23 -9.98 10.93
CA ARG A 115 -20.71 -11.32 10.63
C ARG A 115 -20.99 -11.52 9.12
N LYS A 116 -21.11 -12.77 8.71
CA LYS A 116 -21.43 -13.08 7.31
C LYS A 116 -22.93 -12.96 7.04
N GLY A 117 -23.27 -12.84 5.77
CA GLY A 117 -24.65 -13.01 5.33
C GLY A 117 -25.64 -11.92 5.68
N THR A 118 -25.16 -10.69 5.82
CA THR A 118 -26.04 -9.55 5.91
C THR A 118 -25.83 -8.74 4.64
N PRO A 119 -26.69 -7.75 4.39
CA PRO A 119 -26.64 -6.90 3.20
C PRO A 119 -25.57 -5.82 3.29
N ILE A 120 -24.91 -5.69 4.44
CA ILE A 120 -23.94 -4.61 4.64
C ILE A 120 -22.70 -4.87 3.81
N ASP A 121 -22.31 -3.87 3.01
CA ASP A 121 -21.24 -4.06 2.05
C ASP A 121 -20.18 -2.98 2.11
N SER A 122 -20.41 -2.00 2.97
CA SER A 122 -19.52 -0.86 3.02
C SER A 122 -19.71 -0.10 4.31
N ALA A 123 -18.78 0.80 4.57
CA ALA A 123 -18.90 1.75 5.66
C ALA A 123 -20.19 2.53 5.51
N ASP A 124 -20.47 2.93 4.28
CA ASP A 124 -21.68 3.70 4.00
C ASP A 124 -22.95 2.95 4.40
N ASP A 125 -22.99 1.64 4.13
CA ASP A 125 -24.13 0.85 4.58
C ASP A 125 -24.23 0.90 6.10
N LEU A 126 -23.09 0.88 6.80
CA LEU A 126 -23.12 1.00 8.26
C LEU A 126 -23.54 2.40 8.69
N ALA A 127 -23.06 3.41 7.97
CA ALA A 127 -23.27 4.81 8.33
C ALA A 127 -24.73 5.22 8.22
N LYS A 128 -25.44 4.64 7.25
CA LYS A 128 -26.80 5.06 6.93
C LYS A 128 -27.87 4.39 7.80
N GLN A 129 -27.47 3.83 8.93
CA GLN A 129 -28.34 2.92 9.68
C GLN A 129 -28.02 2.90 11.19
N THR A 130 -28.92 2.37 12.02
CA THR A 130 -28.69 2.39 13.49
C THR A 130 -28.88 1.09 14.28
N LYS A 131 -29.55 0.10 13.71
CA LYS A 131 -29.80 -1.16 14.45
C LYS A 131 -28.52 -1.90 14.77
N ILE A 132 -27.63 -1.99 13.79
CA ILE A 132 -26.33 -2.61 13.95
C ILE A 132 -25.35 -1.62 14.55
N GLU A 133 -24.86 -1.94 15.74
CA GLU A 133 -23.92 -1.05 16.40
C GLU A 133 -22.59 -1.27 15.73
N TYR A 134 -21.74 -0.25 15.73
CA TYR A 134 -20.38 -0.40 15.17
C TYR A 134 -19.46 0.59 15.87
N GLY A 135 -18.17 0.24 15.95
CA GLY A 135 -17.22 1.11 16.62
C GLY A 135 -15.78 0.75 16.36
N ALA A 136 -14.91 1.17 17.26
CA ALA A 136 -13.48 0.98 17.13
C ALA A 136 -12.93 0.87 18.53
N VAL A 137 -11.63 0.64 18.65
CA VAL A 137 -10.98 0.67 19.94
C VAL A 137 -10.78 2.12 20.35
N ARG A 138 -11.13 2.44 21.58
CA ARG A 138 -10.95 3.79 22.09
C ARG A 138 -9.47 4.16 22.07
N ASP A 139 -9.17 5.34 21.51
CA ASP A 139 -7.83 5.91 21.52
C ASP A 139 -6.86 5.26 20.55
N GLY A 140 -7.35 4.33 19.72
CA GLY A 140 -6.52 3.69 18.74
C GLY A 140 -6.43 4.41 17.39
N SER A 141 -5.59 3.90 16.50
CA SER A 141 -5.37 4.57 15.22
C SER A 141 -6.65 4.67 14.40
N THR A 142 -7.52 3.67 14.50
CA THR A 142 -8.78 3.70 13.78
C THR A 142 -9.62 4.87 14.26
N MET A 143 -9.84 4.96 15.57
CA MET A 143 -10.59 6.06 16.14
C MET A 143 -9.99 7.40 15.71
N THR A 144 -8.69 7.54 15.89
CA THR A 144 -7.99 8.74 15.48
C THR A 144 -8.35 9.13 14.04
N PHE A 145 -8.19 8.19 13.13
CA PHE A 145 -8.51 8.46 11.73
C PHE A 145 -9.93 9.00 11.62
N PHE A 146 -10.86 8.30 12.27
CA PHE A 146 -12.27 8.68 12.18
C PHE A 146 -12.56 10.02 12.85
N LYS A 147 -11.88 10.28 13.95
CA LYS A 147 -12.06 11.55 14.63
C LYS A 147 -11.57 12.72 13.78
N LYS A 148 -10.45 12.53 13.09
CA LYS A 148 -9.86 13.66 12.38
C LYS A 148 -10.37 13.77 10.94
N SER A 149 -11.25 12.86 10.53
CA SER A 149 -11.68 12.82 9.14
C SER A 149 -12.65 13.92 8.77
N LYS A 150 -12.45 14.51 7.59
CA LYS A 150 -13.35 15.54 7.06
C LYS A 150 -14.30 14.99 6.00
N ILE A 151 -14.27 13.67 5.80
CA ILE A 151 -15.19 13.02 4.89
C ILE A 151 -16.51 12.80 5.64
N SER A 152 -17.61 13.19 5.00
CA SER A 152 -18.87 13.34 5.72
C SER A 152 -19.44 12.01 6.22
N THR A 153 -19.41 10.99 5.37
CA THR A 153 -19.78 9.66 5.83
C THR A 153 -19.01 9.29 7.10
N TYR A 154 -17.71 9.59 7.12
CA TYR A 154 -16.89 9.20 8.27
C TYR A 154 -17.18 10.12 9.43
N GLU A 155 -17.38 11.40 9.14
CA GLU A 155 -17.80 12.34 10.17
C GLU A 155 -19.09 11.83 10.81
N LYS A 156 -20.01 11.34 10.00
CA LYS A 156 -21.26 10.82 10.53
C LYS A 156 -21.04 9.56 11.38
N MET A 157 -20.18 8.66 10.91
CA MET A 157 -19.91 7.45 11.68
C MET A 157 -19.27 7.78 13.01
N TRP A 158 -18.38 8.76 12.97
CA TRP A 158 -17.68 9.21 14.17
C TRP A 158 -18.63 9.76 15.23
N ALA A 159 -19.57 10.61 14.81
CA ALA A 159 -20.59 11.15 15.71
C ALA A 159 -21.38 10.01 16.33
N PHE A 160 -21.71 9.01 15.53
CA PHE A 160 -22.40 7.83 16.03
C PHE A 160 -21.56 7.08 17.08
N MET A 161 -20.33 6.71 16.72
CA MET A 161 -19.47 5.94 17.63
C MET A 161 -19.28 6.63 18.97
N SER A 162 -19.07 7.95 18.92
CA SER A 162 -18.69 8.69 20.12
C SER A 162 -19.90 9.12 20.95
N SER A 163 -21.09 8.85 20.44
CA SER A 163 -22.34 9.15 21.14
C SER A 163 -22.62 8.17 22.28
N ARG A 164 -23.22 8.66 23.35
CA ARG A 164 -23.55 7.85 24.53
C ARG A 164 -22.32 7.37 25.28
N GLN A 165 -21.52 8.31 25.79
CA GLN A 165 -20.27 7.99 26.49
C GLN A 165 -19.50 6.95 25.68
N GLN A 166 -19.67 6.98 24.37
CA GLN A 166 -18.98 6.07 23.47
C GLN A 166 -19.23 4.61 23.85
N SER A 167 -20.50 4.22 23.94
CA SER A 167 -20.85 2.83 24.23
C SER A 167 -20.40 1.92 23.08
N ALA A 168 -20.23 2.52 21.89
CA ALA A 168 -19.85 1.79 20.70
C ALA A 168 -18.35 1.51 20.62
N LEU A 169 -17.56 2.18 21.44
CA LEU A 169 -16.13 1.94 21.47
C LEU A 169 -15.83 0.80 22.42
N VAL A 170 -14.62 0.25 22.31
CA VAL A 170 -14.19 -0.84 23.18
C VAL A 170 -12.76 -0.59 23.62
N LYS A 171 -12.34 -1.27 24.67
CA LYS A 171 -11.07 -0.96 25.31
C LYS A 171 -9.89 -1.44 24.48
N ASN A 172 -10.09 -2.54 23.76
CA ASN A 172 -9.01 -3.13 23.00
C ASN A 172 -9.55 -4.09 21.95
N SER A 173 -8.71 -4.46 21.01
CA SER A 173 -9.19 -5.21 19.87
C SER A 173 -9.73 -6.60 20.25
N ASP A 174 -9.19 -7.23 21.29
CA ASP A 174 -9.77 -8.49 21.75
C ASP A 174 -11.22 -8.31 22.20
N GLU A 175 -11.49 -7.21 22.88
CA GLU A 175 -12.84 -6.96 23.35
C GLU A 175 -13.74 -6.70 22.15
N GLY A 176 -13.20 -5.97 21.17
CA GLY A 176 -13.98 -5.65 19.98
C GLY A 176 -14.31 -6.90 19.20
N ILE A 177 -13.31 -7.74 19.02
CA ILE A 177 -13.50 -9.02 18.37
C ILE A 177 -14.62 -9.82 19.03
N GLN A 178 -14.50 -10.03 20.34
CA GLN A 178 -15.56 -10.74 21.08
C GLN A 178 -16.92 -10.11 20.92
N ARG A 179 -16.96 -8.80 20.77
CA ARG A 179 -18.22 -8.09 20.68
C ARG A 179 -18.88 -8.38 19.34
N VAL A 180 -18.07 -8.39 18.28
CA VAL A 180 -18.54 -8.81 16.97
C VAL A 180 -19.07 -10.24 17.05
N LEU A 181 -18.34 -11.09 17.74
CA LEU A 181 -18.70 -12.50 17.81
C LEU A 181 -20.00 -12.78 18.56
N THR A 182 -20.35 -11.92 19.52
CA THR A 182 -21.45 -12.23 20.44
C THR A 182 -22.60 -11.23 20.39
N THR A 183 -22.56 -10.31 19.42
CA THR A 183 -23.46 -9.17 19.39
C THR A 183 -23.62 -8.67 17.96
N ASP A 184 -24.76 -8.07 17.65
CA ASP A 184 -24.94 -7.48 16.34
C ASP A 184 -24.11 -6.18 16.26
N TYR A 185 -22.81 -6.36 16.02
CA TYR A 185 -21.84 -5.29 16.17
C TYR A 185 -20.70 -5.43 15.17
N ALA A 186 -20.33 -4.32 14.52
CA ALA A 186 -19.21 -4.30 13.56
C ALA A 186 -18.02 -3.47 14.08
N LEU A 187 -16.82 -3.95 13.82
CA LEU A 187 -15.61 -3.33 14.36
C LEU A 187 -14.74 -2.78 13.25
N LEU A 188 -14.52 -1.48 13.29
CA LEU A 188 -13.59 -0.86 12.37
C LEU A 188 -12.18 -1.13 12.90
N MET A 189 -11.30 -1.62 12.04
CA MET A 189 -9.94 -1.90 12.47
C MET A 189 -8.92 -2.15 11.35
N GLU A 190 -7.65 -2.16 11.75
CA GLU A 190 -6.50 -2.46 10.92
C GLU A 190 -6.66 -3.78 10.15
N SER A 191 -6.61 -3.73 8.83
CA SER A 191 -7.10 -4.84 8.00
C SER A 191 -6.33 -6.14 8.20
N THR A 192 -5.05 -6.02 8.49
CA THR A 192 -4.22 -7.20 8.72
C THR A 192 -4.75 -8.05 9.89
N SER A 193 -5.08 -7.41 11.00
CA SER A 193 -5.66 -8.08 12.14
C SER A 193 -7.02 -8.62 11.77
N ILE A 194 -7.79 -7.86 10.98
CA ILE A 194 -9.07 -8.37 10.49
C ILE A 194 -8.89 -9.67 9.71
N GLU A 195 -7.98 -9.68 8.75
CA GLU A 195 -7.76 -10.90 7.98
CA GLU A 195 -7.73 -10.88 7.97
C GLU A 195 -7.31 -12.04 8.87
N TYR A 196 -6.50 -11.74 9.88
CA TYR A 196 -5.98 -12.80 10.71
C TYR A 196 -7.11 -13.40 11.52
N VAL A 197 -8.03 -12.54 11.94
CA VAL A 197 -9.23 -12.98 12.64
C VAL A 197 -10.23 -13.78 11.78
N THR A 198 -10.55 -13.31 10.59
CA THR A 198 -11.49 -14.04 9.70
C THR A 198 -11.01 -15.44 9.34
N GLN A 199 -9.69 -15.63 9.38
CA GLN A 199 -9.06 -16.91 9.07
C GLN A 199 -9.33 -17.91 10.17
N ARG A 200 -9.76 -17.41 11.33
CA ARG A 200 -9.91 -18.22 12.53
C ARG A 200 -11.31 -18.14 13.10
N ASN A 201 -12.14 -17.29 12.53
CA ASN A 201 -13.56 -17.24 12.90
C ASN A 201 -14.40 -17.30 11.64
N CYS A 202 -14.83 -18.51 11.29
CA CYS A 202 -15.47 -18.81 10.01
C CYS A 202 -16.74 -18.06 9.71
N ASN A 203 -17.38 -17.55 10.76
CA ASN A 203 -18.64 -16.85 10.60
C ASN A 203 -18.43 -15.34 10.56
N LEU A 204 -17.17 -14.90 10.55
CA LEU A 204 -16.88 -13.48 10.39
C LEU A 204 -16.27 -13.24 9.00
N THR A 205 -16.20 -11.97 8.62
CA THR A 205 -15.75 -11.58 7.31
C THR A 205 -15.33 -10.11 7.34
N GLN A 206 -14.62 -9.70 6.30
CA GLN A 206 -14.28 -8.31 6.13
C GLN A 206 -15.33 -7.69 5.22
N ILE A 207 -15.92 -6.59 5.68
CA ILE A 207 -16.95 -5.92 4.91
C ILE A 207 -16.29 -4.77 4.19
N GLY A 208 -16.57 -4.65 2.90
CA GLY A 208 -16.03 -3.57 2.10
C GLY A 208 -14.52 -3.69 1.89
N GLY A 209 -13.93 -2.62 1.40
CA GLY A 209 -12.51 -2.65 1.08
C GLY A 209 -11.69 -1.88 2.11
N LEU A 210 -10.54 -1.40 1.65
CA LEU A 210 -9.63 -0.69 2.53
C LEU A 210 -9.83 0.82 2.46
N ILE A 211 -9.59 1.45 3.59
CA ILE A 211 -9.69 2.87 3.77
C ILE A 211 -8.40 3.26 4.46
N ASP A 212 -7.95 4.49 4.25
CA ASP A 212 -6.78 4.99 4.98
C ASP A 212 -5.59 4.08 4.77
N SER A 213 -5.10 4.03 3.53
CA SER A 213 -3.97 3.17 3.19
C SER A 213 -2.71 3.52 3.99
N LYS A 214 -1.96 2.49 4.32
CA LYS A 214 -0.74 2.67 5.08
C LYS A 214 0.04 1.38 5.01
N GLY A 215 1.25 1.39 5.55
CA GLY A 215 2.07 0.20 5.51
C GLY A 215 3.06 0.09 6.64
N TYR A 216 3.51 -1.13 6.86
CA TYR A 216 4.50 -1.40 7.88
C TYR A 216 5.86 -1.39 7.26
N GLY A 217 6.80 -0.69 7.91
CA GLY A 217 8.18 -0.74 7.49
C GLY A 217 9.15 -1.13 8.58
N VAL A 218 10.37 -1.48 8.17
CA VAL A 218 11.42 -1.75 9.15
C VAL A 218 11.97 -0.40 9.53
N GLY A 219 11.91 -0.09 10.81
CA GLY A 219 12.43 1.15 11.33
C GLY A 219 13.93 1.04 11.54
N THR A 220 14.64 2.15 11.35
CA THR A 220 16.05 2.22 11.68
C THR A 220 16.22 3.60 12.30
N PRO A 221 17.37 3.86 12.94
CA PRO A 221 17.61 5.21 13.47
C PRO A 221 17.94 6.11 12.31
N ILE A 222 17.53 7.38 12.38
CA ILE A 222 17.86 8.31 11.30
C ILE A 222 19.33 8.24 10.88
N GLY A 223 19.55 8.16 9.57
CA GLY A 223 20.89 8.11 9.01
C GLY A 223 21.49 6.73 8.89
N SER A 224 20.72 5.69 9.23
CA SER A 224 21.22 4.32 9.13
C SER A 224 21.53 3.92 7.68
N PRO A 225 22.68 3.26 7.49
CA PRO A 225 23.06 2.64 6.21
C PRO A 225 22.18 1.44 5.85
N TYR A 226 21.39 0.94 6.80
CA TYR A 226 20.62 -0.27 6.55
C TYR A 226 19.32 0.01 5.85
N ARG A 227 18.87 1.26 5.92
CA ARG A 227 17.55 1.59 5.42
C ARG A 227 17.40 1.33 3.92
N ASP A 228 18.37 1.76 3.13
CA ASP A 228 18.27 1.59 1.70
C ASP A 228 18.45 0.12 1.33
N LYS A 229 19.38 -0.52 2.02
CA LYS A 229 19.67 -1.92 1.77
C LYS A 229 18.47 -2.79 2.12
N ILE A 230 17.73 -2.42 3.15
CA ILE A 230 16.57 -3.20 3.49
C ILE A 230 15.38 -2.91 2.56
N THR A 231 15.22 -1.65 2.20
CA THR A 231 14.22 -1.32 1.19
C THR A 231 14.39 -2.24 0.01
N ILE A 232 15.62 -2.34 -0.47
CA ILE A 232 15.87 -3.06 -1.69
C ILE A 232 15.66 -4.56 -1.48
N ALA A 233 16.08 -5.07 -0.32
CA ALA A 233 15.85 -6.47 0.00
C ALA A 233 14.34 -6.73 0.07
N ILE A 234 13.61 -5.76 0.59
CA ILE A 234 12.17 -5.92 0.66
C ILE A 234 11.53 -6.00 -0.72
N LEU A 235 12.01 -5.18 -1.65
CA LEU A 235 11.48 -5.21 -3.00
C LEU A 235 11.80 -6.53 -3.68
N GLN A 236 13.03 -7.00 -3.47
CA GLN A 236 13.46 -8.29 -4.00
C GLN A 236 12.51 -9.41 -3.51
N LEU A 237 12.21 -9.42 -2.21
CA LEU A 237 11.42 -10.49 -1.64
C LEU A 237 10.01 -10.44 -2.18
N GLN A 238 9.51 -9.22 -2.39
CA GLN A 238 8.19 -9.02 -2.95
C GLN A 238 8.15 -9.61 -4.35
N GLU A 239 9.15 -9.29 -5.17
CA GLU A 239 9.20 -9.81 -6.51
C GLU A 239 9.44 -11.32 -6.57
N GLU A 240 10.20 -11.84 -5.62
CA GLU A 240 10.40 -13.28 -5.53
C GLU A 240 9.15 -13.95 -4.99
N GLY A 241 8.19 -13.14 -4.55
CA GLY A 241 6.93 -13.66 -4.05
C GLY A 241 7.03 -14.23 -2.65
N LYS A 242 8.17 -13.98 -2.01
CA LYS A 242 8.44 -14.49 -0.68
C LYS A 242 7.60 -13.82 0.42
N LEU A 243 7.27 -12.55 0.25
CA LEU A 243 6.40 -11.85 1.18
C LEU A 243 5.00 -12.44 1.17
N HIS A 244 4.54 -12.77 -0.03
CA HIS A 244 3.24 -13.38 -0.21
C HIS A 244 3.18 -14.74 0.50
N MET A 245 4.25 -15.51 0.37
CA MET A 245 4.31 -16.82 1.00
C MET A 245 4.40 -16.69 2.51
N MET A 246 5.24 -15.78 2.99
CA MET A 246 5.36 -15.53 4.43
C MET A 246 4.01 -15.17 5.03
N LYS A 247 3.30 -14.27 4.36
CA LYS A 247 1.99 -13.82 4.78
C LYS A 247 1.01 -14.98 4.85
N GLU A 248 0.96 -15.77 3.77
CA GLU A 248 0.01 -16.87 3.74
C GLU A 248 0.36 -17.90 4.81
N LYS A 249 1.65 -18.16 4.98
CA LYS A 249 2.10 -19.12 5.98
C LYS A 249 1.57 -18.78 7.37
N TRP A 250 1.69 -17.53 7.78
CA TRP A 250 1.31 -17.19 9.14
C TRP A 250 -0.14 -16.74 9.34
N TRP A 251 -0.82 -16.40 8.25
CA TRP A 251 -2.17 -15.88 8.36
C TRP A 251 -3.23 -16.96 8.20
N ARG A 252 -2.93 -17.95 7.35
CA ARG A 252 -3.87 -19.04 7.08
C ARG A 252 -4.31 -19.78 8.33
N GLY A 253 -5.62 -19.95 8.46
CA GLY A 253 -6.18 -20.69 9.57
C GLY A 253 -6.17 -22.18 9.27
N ASN A 254 -7.13 -22.90 9.83
CA ASN A 254 -7.20 -24.33 9.58
C ASN A 254 -8.34 -24.70 8.65
N GLY A 255 -8.76 -23.71 7.85
CA GLY A 255 -9.82 -23.90 6.88
C GLY A 255 -11.20 -23.65 7.48
N CYS A 256 -12.01 -22.85 6.79
CA CYS A 256 -13.34 -22.47 7.27
C CYS A 256 -14.43 -23.01 6.38
N PRO A 257 -14.62 -24.33 6.39
CA PRO A 257 -15.51 -25.00 5.44
C PRO A 257 -16.95 -24.83 5.86
N GLY B 1 18.53 24.81 -2.34
CA GLY B 1 19.05 26.17 -2.41
C GLY B 1 18.03 27.14 -3.00
N ALA B 2 17.95 28.34 -2.42
CA ALA B 2 16.98 29.35 -2.87
C ALA B 2 17.19 29.73 -4.33
N ASN B 3 18.44 29.76 -4.75
CA ASN B 3 18.81 30.01 -6.14
C ASN B 3 18.21 29.01 -7.12
N ARG B 4 18.32 27.73 -6.78
CA ARG B 4 18.08 26.68 -7.76
C ARG B 4 16.60 26.42 -8.00
N THR B 5 16.28 26.18 -9.26
CA THR B 5 14.95 25.70 -9.63
C THR B 5 15.11 24.24 -10.01
N LEU B 6 14.31 23.40 -9.40
CA LEU B 6 14.39 21.96 -9.63
C LEU B 6 13.78 21.64 -10.96
N ILE B 7 14.43 20.78 -11.72
CA ILE B 7 13.83 20.29 -12.95
C ILE B 7 13.00 19.06 -12.61
N VAL B 8 11.74 19.06 -13.01
CA VAL B 8 10.88 17.92 -12.73
C VAL B 8 10.56 17.22 -14.03
N THR B 9 11.04 15.99 -14.16
CA THR B 9 10.71 15.23 -15.34
C THR B 9 9.36 14.60 -15.11
N THR B 10 8.61 14.45 -16.17
CA THR B 10 7.33 13.80 -16.05
C THR B 10 6.94 13.28 -17.40
N ILE B 11 5.72 12.76 -17.50
CA ILE B 11 5.29 12.04 -18.69
C ILE B 11 3.82 12.30 -18.82
N LEU B 12 3.31 12.36 -20.06
CA LEU B 12 1.87 12.56 -20.29
C LEU B 12 1.09 11.27 -20.02
N GLU B 13 0.20 11.33 -19.04
CA GLU B 13 -0.67 10.21 -18.66
C GLU B 13 -1.91 10.71 -17.95
N GLU B 14 -3.05 10.52 -18.59
CA GLU B 14 -4.33 10.80 -17.97
C GLU B 14 -4.51 9.88 -16.77
N PRO B 15 -4.94 10.42 -15.63
CA PRO B 15 -5.15 11.86 -15.39
C PRO B 15 -4.04 12.48 -14.57
N TYR B 16 -2.82 11.96 -14.64
CA TYR B 16 -1.74 12.50 -13.83
C TYR B 16 -1.17 13.78 -14.40
N VAL B 17 -0.95 13.78 -15.72
CA VAL B 17 -0.40 14.90 -16.46
C VAL B 17 -1.10 15.07 -17.81
N MET B 18 -1.66 16.25 -18.02
CA MET B 18 -2.34 16.56 -19.28
C MET B 18 -2.10 18.00 -19.64
N TYR B 19 -1.99 18.27 -20.93
CA TYR B 19 -2.06 19.64 -21.38
C TYR B 19 -3.42 20.22 -21.03
N ARG B 20 -3.41 21.38 -20.38
CA ARG B 20 -4.65 22.02 -19.96
C ARG B 20 -5.25 22.81 -21.11
N LYS B 21 -6.58 22.91 -21.12
CA LYS B 21 -7.28 23.74 -22.08
C LYS B 21 -7.73 25.06 -21.45
N SER B 22 -7.66 26.14 -22.21
CA SER B 22 -7.96 27.47 -21.68
C SER B 22 -8.25 28.46 -22.80
N ASP B 23 -9.03 29.48 -22.48
CA ASP B 23 -9.38 30.54 -23.42
C ASP B 23 -8.28 31.60 -23.48
N LYS B 24 -7.26 31.44 -22.66
CA LYS B 24 -6.14 32.38 -22.67
C LYS B 24 -4.84 31.61 -22.77
N PRO B 25 -3.81 32.27 -23.31
CA PRO B 25 -2.44 31.71 -23.42
C PRO B 25 -1.90 31.19 -22.09
N LEU B 26 -1.37 29.98 -22.10
CA LEU B 26 -0.77 29.37 -20.93
C LEU B 26 0.75 29.33 -21.05
N TYR B 27 1.44 29.37 -19.92
CA TYR B 27 2.91 29.37 -19.96
C TYR B 27 3.47 28.44 -18.92
N GLY B 28 4.70 27.98 -19.17
CA GLY B 28 5.44 27.16 -18.23
C GLY B 28 4.64 26.00 -17.66
N ASN B 29 4.78 25.82 -16.35
CA ASN B 29 4.06 24.78 -15.63
C ASN B 29 2.56 24.87 -15.83
N ASP B 30 2.07 26.07 -16.06
CA ASP B 30 0.65 26.32 -16.21
C ASP B 30 0.05 25.59 -17.42
N ARG B 31 0.88 25.18 -18.38
CA ARG B 31 0.39 24.45 -19.54
C ARG B 31 -0.16 23.06 -19.18
N PHE B 32 0.25 22.58 -18.02
CA PHE B 32 -0.14 21.25 -17.56
C PHE B 32 -1.12 21.34 -16.42
N GLU B 33 -1.99 20.34 -16.35
CA GLU B 33 -2.86 20.15 -15.20
C GLU B 33 -2.89 18.66 -14.88
N GLY B 34 -3.48 18.29 -13.76
CA GLY B 34 -3.56 16.90 -13.39
C GLY B 34 -3.13 16.56 -11.98
N TYR B 35 -3.40 15.32 -11.60
CA TYR B 35 -3.09 14.83 -10.28
C TYR B 35 -1.65 15.15 -9.89
N CYS B 36 -0.72 14.82 -10.78
CA CYS B 36 0.69 14.96 -10.43
C CYS B 36 1.07 16.42 -10.30
N LEU B 37 0.34 17.29 -10.97
CA LEU B 37 0.62 18.71 -10.85
C LEU B 37 0.14 19.23 -9.49
N ASP B 38 -1.04 18.77 -9.09
CA ASP B 38 -1.53 19.11 -7.78
C ASP B 38 -0.57 18.59 -6.71
N LEU B 39 -0.11 17.34 -6.86
CA LEU B 39 0.82 16.76 -5.90
C LEU B 39 2.06 17.63 -5.80
N LEU B 40 2.60 17.93 -6.97
CA LEU B 40 3.75 18.82 -7.08
C LEU B 40 3.52 20.17 -6.44
N LYS B 41 2.37 20.76 -6.69
CA LYS B 41 2.11 22.06 -6.10
C LYS B 41 2.11 21.95 -4.58
N GLU B 42 1.47 20.91 -4.05
CA GLU B 42 1.43 20.67 -2.61
C GLU B 42 2.82 20.42 -2.04
N LEU B 43 3.63 19.65 -2.74
CA LEU B 43 4.98 19.37 -2.23
C LEU B 43 5.81 20.64 -2.22
N SER B 44 5.80 21.36 -3.35
CA SER B 44 6.49 22.63 -3.46
C SER B 44 6.08 23.57 -2.34
N ASN B 45 4.79 23.63 -2.06
CA ASN B 45 4.31 24.52 -1.01
C ASN B 45 4.85 24.18 0.37
N ILE B 46 4.92 22.88 0.66
CA ILE B 46 5.45 22.39 1.93
C ILE B 46 6.97 22.54 2.05
N LEU B 47 7.71 22.23 0.99
CA LEU B 47 9.17 22.24 1.04
C LEU B 47 9.79 23.58 0.62
N GLY B 48 9.01 24.41 -0.06
CA GLY B 48 9.51 25.71 -0.48
C GLY B 48 10.36 25.75 -1.74
N PHE B 49 10.39 24.67 -2.52
CA PHE B 49 11.18 24.71 -3.74
C PHE B 49 10.39 25.24 -4.96
N LEU B 50 11.10 25.88 -5.88
CA LEU B 50 10.49 26.25 -7.13
C LEU B 50 10.91 25.19 -8.11
N TYR B 51 10.08 24.95 -9.11
CA TYR B 51 10.35 23.85 -10.01
C TYR B 51 10.01 24.23 -11.44
N ASP B 52 10.53 23.44 -12.37
CA ASP B 52 10.25 23.62 -13.80
C ASP B 52 9.94 22.25 -14.43
N VAL B 53 8.68 22.06 -14.82
CA VAL B 53 8.19 20.81 -15.38
C VAL B 53 8.63 20.57 -16.83
N LYS B 54 9.32 19.47 -17.07
CA LYS B 54 9.69 19.07 -18.43
C LYS B 54 9.29 17.63 -18.75
N LEU B 55 8.44 17.44 -19.74
CA LEU B 55 8.16 16.09 -20.22
C LEU B 55 9.47 15.37 -20.53
N VAL B 56 9.59 14.11 -20.10
CA VAL B 56 10.71 13.26 -20.50
C VAL B 56 10.69 13.17 -22.03
N PRO B 57 11.86 13.33 -22.67
CA PRO B 57 11.81 13.52 -24.13
C PRO B 57 11.45 12.25 -24.90
N ASP B 58 11.91 11.08 -24.47
CA ASP B 58 11.55 9.85 -25.17
C ASP B 58 10.15 9.36 -24.79
N GLY B 59 9.51 10.05 -23.86
CA GLY B 59 8.17 9.72 -23.45
C GLY B 59 8.01 8.36 -22.80
N LYS B 60 9.06 7.85 -22.17
CA LYS B 60 8.96 6.57 -21.50
C LYS B 60 9.18 6.64 -20.01
N TYR B 61 8.70 5.63 -19.29
CA TYR B 61 8.84 5.63 -17.86
C TYR B 61 10.28 5.37 -17.44
N GLY B 62 10.87 4.34 -18.00
CA GLY B 62 12.23 3.99 -17.63
C GLY B 62 12.38 2.49 -17.53
N ALA B 63 13.07 1.91 -18.50
CA ALA B 63 13.35 0.49 -18.47
C ALA B 63 14.79 0.32 -18.90
N GLN B 64 15.28 -0.92 -18.81
CA GLN B 64 16.69 -1.18 -19.10
C GLN B 64 16.87 -1.98 -20.38
N ASN B 65 17.82 -1.54 -21.22
CA ASN B 65 18.23 -2.28 -22.41
C ASN B 65 18.66 -3.69 -22.12
N ASP B 66 18.49 -4.57 -23.11
CA ASP B 66 19.06 -5.91 -23.04
C ASP B 66 20.54 -5.76 -22.70
N LYS B 67 21.05 -4.56 -22.89
CA LYS B 67 22.47 -4.24 -22.66
C LYS B 67 22.69 -3.32 -21.45
N GLY B 68 21.75 -3.33 -20.50
CA GLY B 68 21.91 -2.61 -19.24
C GLY B 68 21.76 -1.10 -19.31
N GLU B 69 21.18 -0.62 -20.39
CA GLU B 69 21.02 0.82 -20.59
C GLU B 69 19.63 1.30 -20.25
N TRP B 70 19.55 2.39 -19.49
CA TRP B 70 18.28 2.95 -19.05
C TRP B 70 17.73 4.02 -19.99
N ASN B 71 16.42 4.12 -20.04
CA ASN B 71 15.78 5.24 -20.72
C ASN B 71 14.79 5.94 -19.81
N GLY B 72 13.87 6.68 -20.42
CA GLY B 72 12.72 7.25 -19.73
C GLY B 72 13.10 8.26 -18.69
N MET B 73 12.18 8.51 -17.76
CA MET B 73 12.41 9.44 -16.67
C MET B 73 13.53 8.92 -15.78
N VAL B 74 13.67 7.60 -15.69
CA VAL B 74 14.74 7.04 -14.87
C VAL B 74 16.11 7.51 -15.36
N LYS B 75 16.33 7.43 -16.68
CA LYS B 75 17.59 7.87 -17.27
C LYS B 75 17.87 9.35 -17.01
N GLU B 76 16.82 10.17 -17.02
CA GLU B 76 16.99 11.60 -16.76
C GLU B 76 17.52 11.82 -15.37
N LEU B 77 17.08 10.97 -14.43
CA LEU B 77 17.47 11.16 -13.04
C LEU B 77 18.91 10.72 -12.86
N ILE B 78 19.23 9.58 -13.44
CA ILE B 78 20.57 9.04 -13.33
C ILE B 78 21.58 10.06 -13.83
N ASP B 79 21.22 10.78 -14.89
CA ASP B 79 22.12 11.74 -15.50
C ASP B 79 21.99 13.13 -14.90
N HIS B 80 21.29 13.23 -13.78
CA HIS B 80 21.06 14.53 -13.17
C HIS B 80 20.55 15.57 -14.16
N ARG B 81 19.74 15.16 -15.13
CA ARG B 81 19.08 16.11 -16.01
C ARG B 81 17.73 16.50 -15.44
N ALA B 82 17.27 15.75 -14.44
CA ALA B 82 16.08 16.12 -13.70
C ALA B 82 16.38 15.93 -12.23
N ASP B 83 15.74 16.73 -11.39
CA ASP B 83 15.91 16.61 -9.95
C ASP B 83 14.83 15.72 -9.34
N LEU B 84 13.66 15.72 -9.98
CA LEU B 84 12.56 14.88 -9.56
C LEU B 84 11.86 14.28 -10.77
N ALA B 85 11.35 13.07 -10.59
CA ALA B 85 10.34 12.54 -11.48
C ALA B 85 9.07 12.48 -10.66
N VAL B 86 8.06 13.17 -11.14
CA VAL B 86 6.76 13.14 -10.49
C VAL B 86 5.80 12.62 -11.53
N ALA B 87 5.38 11.37 -11.37
CA ALA B 87 4.64 10.66 -12.38
C ALA B 87 4.23 9.32 -11.78
N PRO B 88 3.31 8.59 -12.46
CA PRO B 88 2.89 7.26 -12.01
C PRO B 88 4.03 6.25 -12.20
N LEU B 89 5.16 6.55 -11.59
CA LEU B 89 6.38 5.76 -11.72
C LEU B 89 6.49 4.71 -10.59
N THR B 90 6.29 3.45 -10.96
CA THR B 90 6.21 2.37 -10.00
C THR B 90 7.55 2.07 -9.30
N ILE B 91 7.52 2.01 -7.98
CA ILE B 91 8.72 1.63 -7.27
C ILE B 91 9.00 0.13 -7.50
N THR B 92 10.17 -0.19 -8.01
CA THR B 92 10.55 -1.57 -8.26
C THR B 92 11.99 -1.85 -7.86
N TYR B 93 12.32 -3.13 -7.76
CA TYR B 93 13.67 -3.54 -7.35
C TYR B 93 14.75 -2.94 -8.26
N VAL B 94 14.63 -3.14 -9.56
CA VAL B 94 15.69 -2.72 -10.47
C VAL B 94 15.85 -1.21 -10.46
N ARG B 95 14.73 -0.50 -10.44
CA ARG B 95 14.78 0.95 -10.46
C ARG B 95 15.38 1.51 -9.18
N GLU B 96 14.97 0.96 -8.06
CA GLU B 96 15.43 1.45 -6.75
C GLU B 96 16.95 1.27 -6.56
N LYS B 97 17.57 0.40 -7.36
CA LYS B 97 19.02 0.24 -7.32
C LYS B 97 19.78 1.32 -8.10
N VAL B 98 19.08 2.06 -8.97
CA VAL B 98 19.74 3.09 -9.76
C VAL B 98 19.29 4.53 -9.47
N ILE B 99 18.19 4.68 -8.74
CA ILE B 99 17.72 5.99 -8.34
C ILE B 99 17.12 5.87 -6.96
N ASP B 100 16.78 7.02 -6.35
CA ASP B 100 16.17 7.04 -5.03
C ASP B 100 14.68 7.38 -5.12
N PHE B 101 13.86 6.62 -4.40
CA PHE B 101 12.43 6.83 -4.40
C PHE B 101 11.97 7.36 -3.05
N SER B 102 11.12 8.38 -3.09
CA SER B 102 10.36 8.75 -1.92
C SER B 102 9.37 7.60 -1.64
N LYS B 103 8.79 7.60 -0.46
CA LYS B 103 7.74 6.64 -0.15
C LYS B 103 6.57 6.90 -1.09
N PRO B 104 5.79 5.86 -1.37
CA PRO B 104 4.68 5.93 -2.31
C PRO B 104 3.69 7.03 -1.95
N PHE B 105 3.25 7.81 -2.93
CA PHE B 105 2.18 8.77 -2.72
C PHE B 105 0.88 8.12 -3.16
N MET B 106 1.01 7.04 -3.92
CA MET B 106 -0.13 6.22 -4.27
C MET B 106 0.23 4.75 -4.08
N THR B 107 -0.71 3.98 -3.57
CA THR B 107 -0.47 2.58 -3.29
C THR B 107 -1.47 1.78 -4.09
N LEU B 108 -0.97 0.77 -4.78
CA LEU B 108 -1.78 0.07 -5.73
C LEU B 108 -1.28 -1.36 -5.98
N GLY B 109 -1.73 -1.93 -7.08
CA GLY B 109 -1.31 -3.24 -7.52
C GLY B 109 -2.06 -3.64 -8.76
N ILE B 110 -2.24 -4.94 -8.92
CA ILE B 110 -2.98 -5.46 -10.04
C ILE B 110 -4.36 -5.75 -9.54
N SER B 111 -5.36 -5.47 -10.37
CA SER B 111 -6.73 -5.84 -10.02
C SER B 111 -7.52 -6.38 -11.22
N ILE B 112 -8.77 -6.74 -10.97
CA ILE B 112 -9.62 -7.32 -12.00
C ILE B 112 -10.68 -6.34 -12.46
N LEU B 113 -10.79 -6.21 -13.78
CA LEU B 113 -11.81 -5.41 -14.42
C LEU B 113 -12.85 -6.34 -15.04
N TYR B 114 -14.08 -6.26 -14.55
CA TYR B 114 -15.09 -7.23 -14.94
C TYR B 114 -16.53 -6.69 -14.85
N ARG B 115 -17.51 -7.58 -14.95
CA ARG B 115 -18.93 -7.20 -14.91
C ARG B 115 -19.44 -7.28 -13.49
N LYS B 116 -20.63 -6.74 -13.25
CA LYS B 116 -21.22 -6.78 -11.92
C LYS B 116 -22.17 -7.96 -11.74
N GLY B 117 -22.42 -8.31 -10.49
CA GLY B 117 -23.36 -9.36 -10.16
C GLY B 117 -22.95 -10.76 -10.62
N THR B 118 -21.71 -11.15 -10.35
CA THR B 118 -21.27 -12.51 -10.63
C THR B 118 -20.66 -13.15 -9.38
N PRO B 119 -20.41 -14.46 -9.42
CA PRO B 119 -19.77 -15.11 -8.26
C PRO B 119 -18.30 -14.72 -8.13
N ILE B 120 -17.74 -14.08 -9.16
CA ILE B 120 -16.30 -13.76 -9.16
C ILE B 120 -15.93 -12.65 -8.18
N ASP B 121 -15.04 -12.95 -7.25
CA ASP B 121 -14.71 -12.01 -6.19
C ASP B 121 -13.22 -11.83 -5.95
N SER B 122 -12.41 -12.62 -6.66
CA SER B 122 -10.96 -12.61 -6.48
C SER B 122 -10.25 -13.22 -7.68
N ALA B 123 -8.93 -13.10 -7.72
CA ALA B 123 -8.17 -13.78 -8.73
C ALA B 123 -8.42 -15.28 -8.54
N ASP B 124 -8.33 -15.70 -7.29
CA ASP B 124 -8.50 -17.09 -6.93
C ASP B 124 -9.73 -17.67 -7.58
N ASP B 125 -10.82 -16.91 -7.55
CA ASP B 125 -12.05 -17.37 -8.13
C ASP B 125 -11.87 -17.55 -9.61
N LEU B 126 -11.19 -16.59 -10.23
CA LEU B 126 -10.88 -16.68 -11.64
C LEU B 126 -10.03 -17.93 -11.90
N ALA B 127 -8.93 -18.05 -11.18
CA ALA B 127 -8.03 -19.19 -11.31
C ALA B 127 -8.70 -20.56 -11.10
N LYS B 128 -9.65 -20.64 -10.17
CA LYS B 128 -10.35 -21.90 -9.90
C LYS B 128 -11.28 -22.37 -11.04
N GLN B 129 -11.39 -21.58 -12.11
CA GLN B 129 -12.40 -21.85 -13.12
C GLN B 129 -11.90 -21.57 -14.55
N THR B 130 -12.72 -21.92 -15.54
CA THR B 130 -12.33 -21.78 -16.96
C THR B 130 -13.41 -21.24 -17.88
N LYS B 131 -14.61 -21.04 -17.37
CA LYS B 131 -15.73 -20.65 -18.22
C LYS B 131 -15.64 -19.17 -18.60
N ILE B 132 -15.22 -18.35 -17.64
CA ILE B 132 -14.97 -16.93 -17.86
C ILE B 132 -13.51 -16.72 -18.16
N GLU B 133 -13.22 -16.25 -19.37
CA GLU B 133 -11.85 -16.03 -19.81
C GLU B 133 -11.25 -14.79 -19.16
N TYR B 134 -10.00 -14.88 -18.73
CA TYR B 134 -9.31 -13.73 -18.15
C TYR B 134 -7.93 -13.54 -18.75
N GLY B 135 -7.40 -12.33 -18.66
CA GLY B 135 -6.10 -12.06 -19.23
C GLY B 135 -5.51 -10.68 -18.98
N ALA B 136 -4.48 -10.35 -19.74
CA ALA B 136 -3.79 -9.09 -19.61
C ALA B 136 -3.34 -8.57 -20.96
N VAL B 137 -3.01 -7.28 -21.00
CA VAL B 137 -2.37 -6.71 -22.15
C VAL B 137 -1.06 -7.45 -22.34
N ARG B 138 -0.80 -7.87 -23.57
CA ARG B 138 0.44 -8.57 -23.91
C ARG B 138 1.67 -7.69 -23.64
N ASP B 139 2.62 -8.23 -22.89
CA ASP B 139 3.88 -7.54 -22.53
C ASP B 139 3.73 -6.33 -21.59
N GLY B 140 2.65 -6.31 -20.80
CA GLY B 140 2.46 -5.25 -19.84
C GLY B 140 3.08 -5.63 -18.52
N SER B 141 3.14 -4.69 -17.59
CA SER B 141 3.62 -5.00 -16.25
C SER B 141 2.75 -6.08 -15.63
N THR B 142 1.44 -5.99 -15.84
CA THR B 142 0.53 -6.99 -15.31
C THR B 142 0.83 -8.39 -15.81
N MET B 143 1.01 -8.51 -17.12
CA MET B 143 1.26 -9.81 -17.71
C MET B 143 2.63 -10.33 -17.28
N THR B 144 3.57 -9.41 -17.14
CA THR B 144 4.92 -9.76 -16.77
C THR B 144 4.95 -10.37 -15.38
N PHE B 145 4.25 -9.71 -14.47
CA PHE B 145 4.05 -10.22 -13.14
C PHE B 145 3.60 -11.68 -13.12
N PHE B 146 2.57 -12.02 -13.89
CA PHE B 146 2.05 -13.39 -13.92
C PHE B 146 3.03 -14.39 -14.52
N LYS B 147 3.66 -13.98 -15.62
CA LYS B 147 4.65 -14.80 -16.29
C LYS B 147 5.73 -15.18 -15.29
N LYS B 148 6.17 -14.20 -14.50
CA LYS B 148 7.35 -14.39 -13.68
C LYS B 148 7.04 -14.90 -12.28
N SER B 149 5.76 -14.94 -11.93
CA SER B 149 5.39 -15.24 -10.57
C SER B 149 5.67 -16.69 -10.21
N LYS B 150 6.11 -16.93 -8.97
CA LYS B 150 6.31 -18.29 -8.49
C LYS B 150 5.17 -18.68 -7.55
N ILE B 151 4.18 -17.80 -7.46
CA ILE B 151 3.02 -18.06 -6.62
C ILE B 151 2.02 -18.96 -7.34
N SER B 152 1.79 -20.13 -6.74
CA SER B 152 0.96 -21.19 -7.28
C SER B 152 -0.25 -20.73 -8.07
N THR B 153 -1.14 -19.99 -7.40
CA THR B 153 -2.37 -19.50 -8.00
C THR B 153 -2.10 -18.68 -9.25
N TYR B 154 -1.05 -17.86 -9.20
CA TYR B 154 -0.71 -16.97 -10.30
C TYR B 154 -0.05 -17.76 -11.41
N GLU B 155 0.71 -18.77 -11.00
CA GLU B 155 1.35 -19.67 -11.94
C GLU B 155 0.29 -20.36 -12.76
N LYS B 156 -0.82 -20.66 -12.10
CA LYS B 156 -1.94 -21.33 -12.74
C LYS B 156 -2.65 -20.37 -13.68
N MET B 157 -2.76 -19.11 -13.26
CA MET B 157 -3.43 -18.11 -14.08
C MET B 157 -2.61 -17.80 -15.33
N TRP B 158 -1.30 -17.83 -15.18
CA TRP B 158 -0.42 -17.55 -16.30
C TRP B 158 -0.49 -18.67 -17.32
N ALA B 159 -0.46 -19.90 -16.81
CA ALA B 159 -0.60 -21.07 -17.66
C ALA B 159 -1.88 -20.92 -18.44
N PHE B 160 -2.93 -20.54 -17.73
CA PHE B 160 -4.22 -20.27 -18.37
C PHE B 160 -4.13 -19.20 -19.45
N MET B 161 -3.72 -17.98 -19.11
CA MET B 161 -3.77 -16.91 -20.12
C MET B 161 -2.75 -17.10 -21.24
N SER B 162 -1.68 -17.84 -20.96
CA SER B 162 -0.69 -18.13 -21.99
C SER B 162 -1.21 -19.23 -22.91
N SER B 163 -1.93 -20.19 -22.34
CA SER B 163 -2.49 -21.29 -23.12
C SER B 163 -3.53 -20.79 -24.12
N ARG B 164 -4.32 -19.81 -23.69
CA ARG B 164 -5.36 -19.21 -24.54
C ARG B 164 -4.90 -17.89 -25.13
N GLN B 165 -3.59 -17.69 -25.23
CA GLN B 165 -3.00 -16.38 -25.51
C GLN B 165 -3.65 -15.56 -26.60
N GLN B 166 -3.93 -16.17 -27.76
CA GLN B 166 -4.52 -15.44 -28.87
C GLN B 166 -5.83 -14.79 -28.45
N SER B 167 -6.51 -15.48 -27.56
CA SER B 167 -7.70 -14.96 -26.92
C SER B 167 -7.34 -14.13 -25.70
N ALA B 168 -6.69 -14.77 -24.73
CA ALA B 168 -6.48 -14.20 -23.41
C ALA B 168 -5.54 -12.97 -23.32
N LEU B 169 -4.61 -12.82 -24.26
CA LEU B 169 -3.69 -11.69 -24.19
C LEU B 169 -4.03 -10.66 -25.23
N VAL B 170 -4.31 -9.45 -24.78
CA VAL B 170 -4.81 -8.40 -25.67
C VAL B 170 -3.73 -7.41 -26.06
N LYS B 171 -3.99 -6.67 -27.12
CA LYS B 171 -2.99 -5.84 -27.78
C LYS B 171 -2.57 -4.66 -26.92
N ASN B 172 -3.56 -4.05 -26.27
CA ASN B 172 -3.36 -2.86 -25.48
C ASN B 172 -4.50 -2.72 -24.49
N SER B 173 -4.45 -1.71 -23.63
CA SER B 173 -5.50 -1.59 -22.61
C SER B 173 -6.87 -1.29 -23.21
N ASP B 174 -6.90 -0.48 -24.26
CA ASP B 174 -8.16 -0.15 -24.93
C ASP B 174 -8.91 -1.37 -25.41
N GLU B 175 -8.19 -2.23 -26.14
CA GLU B 175 -8.77 -3.47 -26.63
C GLU B 175 -9.23 -4.35 -25.47
N GLY B 176 -8.42 -4.39 -24.40
CA GLY B 176 -8.81 -5.12 -23.22
C GLY B 176 -10.10 -4.62 -22.59
N ILE B 177 -10.28 -3.31 -22.53
CA ILE B 177 -11.54 -2.78 -22.01
C ILE B 177 -12.71 -3.25 -22.88
N GLN B 178 -12.53 -3.14 -24.19
CA GLN B 178 -13.54 -3.60 -25.14
C GLN B 178 -13.89 -5.07 -24.97
N ARG B 179 -12.87 -5.91 -24.77
CA ARG B 179 -13.12 -7.33 -24.46
C ARG B 179 -14.06 -7.51 -23.26
N VAL B 180 -13.77 -6.83 -22.16
CA VAL B 180 -14.62 -6.90 -20.98
C VAL B 180 -16.03 -6.41 -21.35
N LEU B 181 -16.08 -5.37 -22.16
CA LEU B 181 -17.33 -4.70 -22.49
C LEU B 181 -18.14 -5.52 -23.49
N THR B 182 -17.44 -6.25 -24.35
CA THR B 182 -18.00 -6.94 -25.52
C THR B 182 -18.09 -8.46 -25.35
N THR B 183 -17.42 -9.00 -24.34
CA THR B 183 -17.22 -10.44 -24.25
C THR B 183 -17.31 -10.88 -22.81
N ASP B 184 -17.40 -12.18 -22.57
CA ASP B 184 -17.27 -12.65 -21.22
C ASP B 184 -15.79 -12.76 -20.88
N TYR B 185 -15.19 -11.60 -20.69
CA TYR B 185 -13.77 -11.48 -20.43
C TYR B 185 -13.54 -10.65 -19.18
N ALA B 186 -12.57 -11.06 -18.37
CA ALA B 186 -12.14 -10.29 -17.22
C ALA B 186 -10.68 -9.90 -17.45
N LEU B 187 -10.38 -8.63 -17.21
CA LEU B 187 -9.06 -8.07 -17.50
C LEU B 187 -8.32 -7.78 -16.20
N LEU B 188 -7.11 -8.33 -16.08
CA LEU B 188 -6.23 -7.99 -14.98
C LEU B 188 -5.35 -6.84 -15.45
N MET B 189 -5.14 -5.88 -14.57
CA MET B 189 -4.63 -4.60 -15.01
C MET B 189 -4.23 -3.79 -13.79
N GLU B 190 -3.36 -2.81 -13.99
CA GLU B 190 -2.90 -1.94 -12.92
C GLU B 190 -4.11 -1.25 -12.28
N SER B 191 -4.25 -1.42 -10.96
CA SER B 191 -5.46 -1.06 -10.23
C SER B 191 -5.90 0.38 -10.45
N THR B 192 -4.95 1.27 -10.60
CA THR B 192 -5.28 2.68 -10.74
C THR B 192 -6.01 2.92 -12.05
N SER B 193 -5.51 2.32 -13.13
CA SER B 193 -6.12 2.37 -14.44
C SER B 193 -7.52 1.75 -14.43
N ILE B 194 -7.65 0.60 -13.79
CA ILE B 194 -8.95 -0.01 -13.62
C ILE B 194 -9.91 0.98 -12.97
N GLU B 195 -9.43 1.71 -11.96
CA GLU B 195 -10.27 2.64 -11.20
C GLU B 195 -10.71 3.80 -12.06
N TYR B 196 -9.85 4.20 -12.99
CA TYR B 196 -10.18 5.29 -13.89
C TYR B 196 -11.29 4.85 -14.84
N VAL B 197 -11.15 3.66 -15.40
CA VAL B 197 -12.09 3.10 -16.35
C VAL B 197 -13.46 2.81 -15.73
N THR B 198 -13.41 2.33 -14.50
CA THR B 198 -14.62 2.08 -13.75
C THR B 198 -15.47 3.33 -13.55
N GLN B 199 -14.84 4.48 -13.32
CA GLN B 199 -15.58 5.73 -13.16
C GLN B 199 -16.24 6.21 -14.46
N ARG B 200 -16.00 5.50 -15.57
CA ARG B 200 -16.44 5.94 -16.89
C ARG B 200 -17.18 4.86 -17.67
N ASN B 201 -17.19 3.65 -17.13
CA ASN B 201 -17.99 2.59 -17.68
C ASN B 201 -18.79 2.03 -16.55
N CYS B 202 -20.04 2.49 -16.48
CA CYS B 202 -20.89 2.25 -15.33
C CYS B 202 -21.21 0.78 -15.10
N ASN B 203 -21.09 -0.03 -16.14
CA ASN B 203 -21.41 -1.44 -15.99
C ASN B 203 -20.18 -2.29 -15.78
N LEU B 204 -19.05 -1.62 -15.57
CA LEU B 204 -17.82 -2.29 -15.17
C LEU B 204 -17.60 -2.13 -13.69
N THR B 205 -16.88 -3.07 -13.10
CA THR B 205 -16.56 -2.98 -11.69
C THR B 205 -15.13 -3.45 -11.50
N GLN B 206 -14.54 -3.07 -10.38
CA GLN B 206 -13.24 -3.56 -9.98
C GLN B 206 -13.43 -4.67 -8.95
N ILE B 207 -12.96 -5.87 -9.29
CA ILE B 207 -13.18 -7.04 -8.45
C ILE B 207 -11.93 -7.46 -7.68
N GLY B 208 -12.10 -7.73 -6.39
CA GLY B 208 -11.04 -8.26 -5.55
C GLY B 208 -10.21 -7.20 -4.82
N GLY B 209 -9.40 -7.66 -3.88
CA GLY B 209 -8.43 -6.78 -3.28
C GLY B 209 -7.32 -6.47 -4.29
N LEU B 210 -6.19 -6.00 -3.80
CA LEU B 210 -5.10 -5.69 -4.69
C LEU B 210 -4.13 -6.85 -4.75
N ILE B 211 -3.74 -7.24 -5.96
CA ILE B 211 -2.70 -8.24 -6.17
C ILE B 211 -1.39 -7.51 -6.42
N ASP B 212 -0.26 -8.12 -6.03
CA ASP B 212 1.03 -7.56 -6.42
C ASP B 212 1.24 -6.15 -5.88
N SER B 213 1.10 -5.99 -4.58
CA SER B 213 1.25 -4.70 -3.93
C SER B 213 2.45 -3.87 -4.43
N LYS B 214 2.21 -2.58 -4.69
CA LYS B 214 3.25 -1.65 -5.11
C LYS B 214 2.77 -0.20 -5.05
N GLY B 215 3.72 0.73 -5.15
CA GLY B 215 3.33 2.12 -5.07
C GLY B 215 4.01 2.97 -6.13
N TYR B 216 3.42 4.13 -6.36
CA TYR B 216 4.08 5.14 -7.16
C TYR B 216 4.86 6.05 -6.23
N GLY B 217 6.13 6.28 -6.56
CA GLY B 217 6.96 7.16 -5.75
C GLY B 217 7.60 8.23 -6.59
N VAL B 218 7.85 9.38 -5.98
CA VAL B 218 8.57 10.44 -6.64
C VAL B 218 9.99 9.95 -6.80
N GLY B 219 10.50 9.93 -8.03
CA GLY B 219 11.86 9.52 -8.27
C GLY B 219 12.86 10.64 -8.04
N THR B 220 14.05 10.29 -7.55
CA THR B 220 15.15 11.24 -7.37
C THR B 220 16.48 10.55 -7.73
N PRO B 221 17.51 11.33 -8.03
CA PRO B 221 18.82 10.73 -8.31
C PRO B 221 19.37 10.17 -7.02
N ILE B 222 20.11 9.06 -7.06
CA ILE B 222 20.74 8.55 -5.85
C ILE B 222 21.42 9.68 -5.07
N GLY B 223 21.17 9.73 -3.77
CA GLY B 223 21.80 10.70 -2.89
C GLY B 223 21.09 12.04 -2.76
N SER B 224 19.95 12.20 -3.42
CA SER B 224 19.25 13.49 -3.43
C SER B 224 18.83 13.97 -2.06
N PRO B 225 19.13 15.24 -1.75
CA PRO B 225 18.76 15.87 -0.49
C PRO B 225 17.25 16.00 -0.33
N TYR B 226 16.54 16.03 -1.46
CA TYR B 226 15.09 16.23 -1.43
C TYR B 226 14.26 14.99 -1.09
N ARG B 227 14.80 13.81 -1.37
CA ARG B 227 14.02 12.58 -1.20
C ARG B 227 13.36 12.44 0.17
N ASP B 228 14.11 12.71 1.21
CA ASP B 228 13.62 12.51 2.56
C ASP B 228 12.57 13.54 2.94
N LYS B 229 12.78 14.78 2.53
CA LYS B 229 11.83 15.85 2.78
C LYS B 229 10.53 15.53 2.06
N ILE B 230 10.65 14.90 0.89
CA ILE B 230 9.51 14.60 0.05
C ILE B 230 8.67 13.45 0.58
N THR B 231 9.37 12.46 1.15
CA THR B 231 8.71 11.39 1.87
C THR B 231 7.86 11.98 3.00
N ILE B 232 8.46 12.88 3.76
CA ILE B 232 7.79 13.44 4.92
C ILE B 232 6.56 14.23 4.49
N ALA B 233 6.69 14.97 3.40
CA ALA B 233 5.59 15.80 2.93
C ALA B 233 4.48 14.93 2.39
N ILE B 234 4.85 13.84 1.73
CA ILE B 234 3.87 12.89 1.23
C ILE B 234 3.06 12.33 2.39
N LEU B 235 3.76 11.86 3.42
CA LEU B 235 3.09 11.37 4.64
C LEU B 235 2.24 12.43 5.30
N GLN B 236 2.72 13.67 5.32
CA GLN B 236 1.94 14.73 5.89
C GLN B 236 0.61 14.81 5.14
N LEU B 237 0.68 14.71 3.81
CA LEU B 237 -0.49 14.89 2.97
C LEU B 237 -1.46 13.72 3.13
N GLN B 238 -0.92 12.53 3.35
CA GLN B 238 -1.74 11.33 3.61
C GLN B 238 -2.42 11.48 4.96
N GLU B 239 -1.67 11.98 5.92
CA GLU B 239 -2.19 12.28 7.26
C GLU B 239 -3.42 13.19 7.15
N GLU B 240 -3.25 14.30 6.45
CA GLU B 240 -4.32 15.29 6.28
C GLU B 240 -5.45 14.83 5.35
N GLY B 241 -5.35 13.61 4.82
CA GLY B 241 -6.32 13.09 3.88
C GLY B 241 -6.31 13.74 2.49
N LYS B 242 -5.26 14.51 2.19
CA LYS B 242 -5.23 15.32 0.98
C LYS B 242 -4.98 14.51 -0.28
N LEU B 243 -4.15 13.48 -0.18
CA LEU B 243 -3.92 12.55 -1.29
C LEU B 243 -5.22 11.86 -1.75
N HIS B 244 -6.06 11.52 -0.79
CA HIS B 244 -7.31 10.84 -1.11
C HIS B 244 -8.23 11.76 -1.90
N MET B 245 -8.26 13.02 -1.53
CA MET B 245 -9.06 14.00 -2.27
C MET B 245 -8.49 14.29 -3.63
N MET B 246 -7.17 14.27 -3.75
CA MET B 246 -6.56 14.54 -5.04
C MET B 246 -6.93 13.41 -5.98
N LYS B 247 -6.86 12.19 -5.47
CA LYS B 247 -7.20 11.01 -6.23
C LYS B 247 -8.63 11.15 -6.68
N GLU B 248 -9.49 11.45 -5.72
CA GLU B 248 -10.91 11.61 -5.95
C GLU B 248 -11.17 12.66 -7.02
N LYS B 249 -10.48 13.78 -6.91
CA LYS B 249 -10.69 14.91 -7.81
C LYS B 249 -10.45 14.51 -9.26
N TRP B 250 -9.35 13.80 -9.51
CA TRP B 250 -8.97 13.46 -10.87
C TRP B 250 -9.49 12.13 -11.39
N TRP B 251 -9.93 11.26 -10.49
CA TRP B 251 -10.52 9.99 -10.92
C TRP B 251 -12.04 10.07 -11.14
N ARG B 252 -12.71 10.94 -10.41
CA ARG B 252 -14.17 11.04 -10.50
C ARG B 252 -14.62 11.25 -11.93
N GLY B 253 -15.57 10.43 -12.36
CA GLY B 253 -16.24 10.66 -13.63
C GLY B 253 -17.30 11.72 -13.47
N ASN B 254 -18.33 11.69 -14.28
CA ASN B 254 -19.42 12.64 -14.08
C ASN B 254 -20.70 11.95 -13.62
N GLY B 255 -20.54 10.95 -12.78
CA GLY B 255 -21.65 10.32 -12.10
C GLY B 255 -21.85 8.91 -12.57
N CYS B 256 -22.33 8.04 -11.69
CA CYS B 256 -22.55 6.67 -12.09
C CYS B 256 -23.71 6.00 -11.36
N PRO B 257 -24.64 5.45 -12.15
CA PRO B 257 -25.66 4.50 -11.69
C PRO B 257 -25.21 3.04 -11.97
#